data_3RF5
#
_entry.id   3RF5
#
_cell.length_a   86.160
_cell.length_b   86.160
_cell.length_c   114.910
_cell.angle_alpha   90.00
_cell.angle_beta   90.00
_cell.angle_gamma   120.00
#
_symmetry.space_group_name_H-M   'P 31 2 1'
#
loop_
_entity.id
_entity.type
_entity.pdbx_description
1 polymer 'Macrophage migration inhibitory factor'
2 non-polymer '2-[(furan-2-ylmethyl)amino]benzoic acid'
3 non-polymer IMIDAZOLE
4 non-polymer 'ZINC ION'
5 non-polymer 'ACETATE ION'
6 water water
#
_entity_poly.entity_id   1
_entity_poly.type   'polypeptide(L)'
_entity_poly.pdbx_seq_one_letter_code
;PMVRVATNLPDKDVPANFEERLTDLLAESMNKPRNRIAIEVLAGQRITHGASRNPVAVIKVESIGALSADDNIRHTQKIT
QFCQDTLKLPKDKVIITYFDLQPIHVGFNGTTVAAA
;
_entity_poly.pdbx_strand_id   A,B,C
#
loop_
_chem_comp.id
_chem_comp.type
_chem_comp.name
_chem_comp.formula
ACT non-polymer 'ACETATE ION' 'C2 H3 O2 -1'
FUZ non-polymer '2-[(furan-2-ylmethyl)amino]benzoic acid' 'C12 H11 N O3'
IMD non-polymer IMIDAZOLE 'C3 H5 N2 1'
ZN non-polymer 'ZINC ION' 'Zn 2'
#
# COMPACT_ATOMS: atom_id res chain seq x y z
N PRO A 1 -2.92 -8.19 12.33
CA PRO A 1 -2.76 -8.17 10.89
C PRO A 1 -3.52 -7.00 10.23
N MET A 2 -3.04 -6.59 9.07
CA MET A 2 -3.61 -5.41 8.41
C MET A 2 -3.57 -5.85 6.97
N VAL A 3 -4.76 -5.93 6.37
CA VAL A 3 -4.96 -6.62 5.11
C VAL A 3 -5.58 -5.67 4.13
N ARG A 4 -5.10 -5.66 2.92
CA ARG A 4 -5.70 -4.74 1.95
C ARG A 4 -6.10 -5.59 0.76
N VAL A 5 -7.36 -5.49 0.34
CA VAL A 5 -7.86 -6.27 -0.80
C VAL A 5 -8.34 -5.28 -1.86
N ALA A 6 -7.62 -5.22 -2.98
CA ALA A 6 -8.02 -4.39 -4.09
C ALA A 6 -8.52 -5.30 -5.21
N THR A 7 -9.64 -4.91 -5.82
CA THR A 7 -10.17 -5.68 -6.94
C THR A 7 -10.72 -4.72 -8.02
N ASN A 8 -10.65 -5.14 -9.29
CA ASN A 8 -11.41 -4.50 -10.36
C ASN A 8 -12.88 -4.96 -10.43
N LEU A 9 -13.28 -5.93 -9.62
CA LEU A 9 -14.72 -6.22 -9.49
C LEU A 9 -15.45 -5.03 -8.84
N PRO A 10 -16.74 -4.82 -9.23
CA PRO A 10 -17.52 -3.73 -8.69
C PRO A 10 -17.73 -3.96 -7.22
N ASP A 11 -17.87 -2.86 -6.51
CA ASP A 11 -18.25 -2.89 -5.11
C ASP A 11 -19.49 -3.72 -4.75
N LYS A 12 -20.59 -3.62 -5.54
CA LYS A 12 -21.79 -4.52 -5.37
C LYS A 12 -21.41 -6.00 -5.45
N ASP A 13 -20.33 -6.36 -6.16
CA ASP A 13 -19.87 -7.75 -6.21
C ASP A 13 -19.03 -8.24 -5.00
N VAL A 14 -18.67 -7.33 -4.09
CA VAL A 14 -17.92 -7.74 -2.89
C VAL A 14 -18.91 -7.67 -1.72
N PRO A 15 -19.44 -8.83 -1.28
CA PRO A 15 -20.62 -8.73 -0.39
C PRO A 15 -20.25 -8.02 0.92
N ALA A 16 -21.30 -7.60 1.61
CA ALA A 16 -21.20 -6.84 2.84
C ALA A 16 -20.53 -7.64 3.97
N ASN A 17 -20.65 -8.97 3.95
CA ASN A 17 -20.05 -9.79 5.01
C ASN A 17 -18.60 -10.23 4.62
N PHE A 18 -18.07 -9.68 3.54
CA PHE A 18 -16.71 -10.03 3.09
C PHE A 18 -15.66 -9.77 4.20
N GLU A 19 -15.62 -8.58 4.73
CA GLU A 19 -14.65 -8.25 5.77
C GLU A 19 -14.81 -9.11 7.02
N GLU A 20 -16.05 -9.31 7.49
CA GLU A 20 -16.32 -10.24 8.63
C GLU A 20 -15.71 -11.61 8.38
N ARG A 21 -16.01 -12.18 7.23
CA ARG A 21 -15.58 -13.55 7.01
C ARG A 21 -14.09 -13.68 6.79
N LEU A 22 -13.49 -12.64 6.16
CA LEU A 22 -12.04 -12.62 5.97
C LEU A 22 -11.38 -12.49 7.36
N THR A 23 -11.94 -11.60 8.20
CA THR A 23 -11.46 -11.44 9.54
C THR A 23 -11.44 -12.82 10.25
N ASP A 24 -12.53 -13.59 10.18
CA ASP A 24 -12.58 -14.92 10.85
C ASP A 24 -11.52 -15.83 10.26
N LEU A 25 -11.45 -15.86 8.93
CA LEU A 25 -10.52 -16.75 8.24
C LEU A 25 -9.07 -16.47 8.67
N LEU A 26 -8.69 -15.18 8.71
CA LEU A 26 -7.32 -14.80 9.18
C LEU A 26 -7.07 -15.04 10.67
N ALA A 27 -8.04 -14.74 11.52
CA ALA A 27 -7.90 -15.00 12.99
C ALA A 27 -7.52 -16.48 13.19
N GLU A 28 -8.28 -17.34 12.51
CA GLU A 28 -8.05 -18.77 12.60
C GLU A 28 -6.75 -19.23 11.87
N SER A 29 -6.52 -18.80 10.63
CA SER A 29 -5.30 -19.29 9.95
C SER A 29 -4.02 -18.75 10.67
N MET A 30 -4.11 -17.54 11.22
CA MET A 30 -2.94 -16.88 11.83
C MET A 30 -2.82 -17.03 13.34
N ASN A 31 -3.86 -17.59 13.97
CA ASN A 31 -3.95 -17.57 15.41
C ASN A 31 -3.69 -16.14 15.94
N LYS A 32 -4.39 -15.18 15.36
CA LYS A 32 -4.38 -13.80 15.84
C LYS A 32 -5.76 -13.42 16.32
N PRO A 33 -5.84 -12.56 17.33
CA PRO A 33 -7.11 -12.14 17.84
C PRO A 33 -7.88 -11.24 16.85
N ARG A 34 -9.19 -11.49 16.73
CA ARG A 34 -10.11 -10.64 15.97
C ARG A 34 -9.88 -9.12 16.16
N ASN A 35 -9.71 -8.66 17.42
CA ASN A 35 -9.53 -7.22 17.67
C ASN A 35 -8.18 -6.63 17.24
N ARG A 36 -7.34 -7.42 16.58
CA ARG A 36 -6.07 -6.93 16.04
C ARG A 36 -6.02 -7.16 14.53
N ILE A 37 -7.21 -7.20 13.89
CA ILE A 37 -7.27 -7.49 12.48
C ILE A 37 -8.01 -6.38 11.79
N ALA A 38 -7.33 -5.72 10.84
CA ALA A 38 -7.96 -4.60 10.03
C ALA A 38 -8.00 -5.03 8.61
N ILE A 39 -9.11 -4.76 7.93
CA ILE A 39 -9.27 -5.12 6.51
C ILE A 39 -9.68 -3.89 5.74
N GLU A 40 -8.94 -3.55 4.68
CA GLU A 40 -9.39 -2.51 3.77
C GLU A 40 -9.83 -3.21 2.52
N VAL A 41 -10.98 -2.79 1.97
CA VAL A 41 -11.43 -3.29 0.70
C VAL A 41 -11.55 -2.10 -0.24
N LEU A 42 -10.93 -2.22 -1.40
CA LEU A 42 -11.00 -1.23 -2.48
C LEU A 42 -11.51 -1.98 -3.74
N ALA A 43 -12.79 -1.83 -4.03
CA ALA A 43 -13.39 -2.49 -5.24
C ALA A 43 -13.65 -1.45 -6.32
N GLY A 44 -14.08 -1.90 -7.51
CA GLY A 44 -14.30 -0.92 -8.61
C GLY A 44 -12.98 -0.23 -9.02
N GLN A 45 -11.81 -0.81 -8.74
CA GLN A 45 -10.53 -0.18 -9.01
CA GLN A 45 -10.52 -0.17 -9.01
C GLN A 45 -9.97 -0.56 -10.39
N ARG A 46 -9.17 0.32 -11.00
CA ARG A 46 -8.36 -0.03 -12.19
C ARG A 46 -7.26 -0.92 -11.82
N ILE A 47 -7.37 -2.18 -12.28
CA ILE A 47 -6.33 -3.15 -12.09
C ILE A 47 -6.13 -3.98 -13.36
N THR A 48 -4.86 -4.18 -13.74
CA THR A 48 -4.54 -5.16 -14.76
C THR A 48 -3.57 -6.21 -14.24
N HIS A 49 -3.66 -7.41 -14.84
CA HIS A 49 -2.73 -8.51 -14.65
C HIS A 49 -2.42 -9.09 -16.02
N GLY A 50 -1.13 -9.08 -16.38
CA GLY A 50 -0.69 -9.33 -17.74
C GLY A 50 -1.41 -8.39 -18.70
N ALA A 51 -1.61 -7.15 -18.27
CA ALA A 51 -2.37 -6.09 -18.94
C ALA A 51 -3.85 -6.38 -19.18
N SER A 52 -4.32 -7.54 -18.80
CA SER A 52 -5.72 -7.88 -18.89
C SER A 52 -6.58 -7.23 -17.78
N ARG A 53 -7.76 -6.71 -18.15
CA ARG A 53 -8.77 -6.22 -17.17
C ARG A 53 -9.71 -7.31 -16.68
N ASN A 54 -9.42 -8.58 -16.97
CA ASN A 54 -10.27 -9.62 -16.38
C ASN A 54 -10.32 -9.48 -14.83
N PRO A 55 -11.37 -10.00 -14.19
CA PRO A 55 -11.50 -9.92 -12.74
C PRO A 55 -10.26 -10.45 -11.99
N VAL A 56 -9.78 -9.71 -10.98
CA VAL A 56 -8.56 -10.12 -10.27
C VAL A 56 -8.59 -9.48 -8.88
N ALA A 57 -7.90 -10.08 -7.92
CA ALA A 57 -7.70 -9.40 -6.60
C ALA A 57 -6.20 -9.29 -6.34
N VAL A 58 -5.74 -8.13 -5.88
CA VAL A 58 -4.38 -7.97 -5.43
C VAL A 58 -4.52 -7.66 -3.96
N ILE A 59 -3.84 -8.48 -3.14
CA ILE A 59 -4.02 -8.47 -1.74
C ILE A 59 -2.68 -8.24 -1.00
N LYS A 60 -2.70 -7.42 0.07
CA LYS A 60 -1.50 -7.26 0.91
C LYS A 60 -1.87 -7.70 2.31
N VAL A 61 -0.98 -8.47 2.93
CA VAL A 61 -1.19 -8.98 4.28
C VAL A 61 0.01 -8.64 5.13
N GLU A 62 -0.16 -7.71 6.07
CA GLU A 62 0.87 -7.34 7.05
C GLU A 62 0.56 -8.02 8.36
N SER A 63 1.59 -8.52 9.06
CA SER A 63 1.34 -9.07 10.38
C SER A 63 2.67 -9.10 11.16
N ILE A 64 2.59 -9.06 12.48
CA ILE A 64 3.78 -9.21 13.30
C ILE A 64 3.89 -10.71 13.52
N GLY A 65 4.66 -11.36 12.65
CA GLY A 65 4.81 -12.83 12.78
C GLY A 65 3.60 -13.55 12.20
N ALA A 66 3.56 -14.86 12.44
CA ALA A 66 2.57 -15.76 11.94
C ALA A 66 2.61 -15.79 10.39
N LEU A 67 3.79 -15.53 9.82
CA LEU A 67 3.98 -15.56 8.40
C LEU A 67 5.26 -16.33 8.01
N SER A 68 5.53 -17.48 8.62
CA SER A 68 6.65 -18.32 8.12
C SER A 68 6.31 -18.82 6.70
N ALA A 69 7.31 -19.37 6.02
CA ALA A 69 7.17 -19.95 4.69
C ALA A 69 5.96 -20.93 4.63
N ASP A 70 5.83 -21.73 5.70
CA ASP A 70 4.81 -22.73 5.85
C ASP A 70 3.45 -22.13 6.14
N ASP A 71 3.43 -21.18 7.06
CA ASP A 71 2.23 -20.45 7.35
C ASP A 71 1.65 -19.88 6.08
N ASN A 72 2.51 -19.31 5.21
CA ASN A 72 2.09 -18.55 4.06
C ASN A 72 1.45 -19.41 2.94
N ILE A 73 1.89 -20.69 2.83
CA ILE A 73 1.20 -21.67 1.96
C ILE A 73 -0.23 -21.82 2.46
N ARG A 74 -0.40 -22.05 3.77
CA ARG A 74 -1.73 -22.16 4.35
C ARG A 74 -2.60 -20.90 4.17
N HIS A 75 -2.05 -19.72 4.50
CA HIS A 75 -2.80 -18.50 4.29
C HIS A 75 -3.20 -18.35 2.81
N THR A 76 -2.28 -18.69 1.90
CA THR A 76 -2.54 -18.52 0.49
C THR A 76 -3.67 -19.45 0.01
N GLN A 77 -3.61 -20.71 0.45
CA GLN A 77 -4.63 -21.71 0.11
C GLN A 77 -6.01 -21.21 0.59
N LYS A 78 -6.12 -20.79 1.85
CA LYS A 78 -7.39 -20.36 2.40
C LYS A 78 -7.92 -19.07 1.77
N ILE A 79 -7.05 -18.07 1.63
CA ILE A 79 -7.46 -16.82 1.04
C ILE A 79 -7.92 -16.99 -0.43
N THR A 80 -7.17 -17.72 -1.22
CA THR A 80 -7.51 -17.98 -2.60
C THR A 80 -8.83 -18.74 -2.69
N GLN A 81 -8.99 -19.85 -1.92
CA GLN A 81 -10.27 -20.59 -1.90
C GLN A 81 -11.40 -19.62 -1.56
N PHE A 82 -11.18 -18.78 -0.55
CA PHE A 82 -12.17 -17.82 -0.13
C PHE A 82 -12.54 -16.82 -1.21
N CYS A 83 -11.54 -16.35 -2.00
CA CYS A 83 -11.83 -15.41 -3.06
C CYS A 83 -12.60 -16.11 -4.18
N GLN A 84 -12.22 -17.35 -4.44
CA GLN A 84 -12.99 -18.21 -5.35
C GLN A 84 -14.46 -18.30 -4.97
N ASP A 85 -14.75 -18.65 -3.71
CA ASP A 85 -16.14 -18.90 -3.26
C ASP A 85 -16.96 -17.62 -3.22
N THR A 86 -16.36 -16.50 -2.79
CA THR A 86 -17.15 -15.27 -2.60
C THR A 86 -17.06 -14.27 -3.75
N LEU A 87 -15.94 -14.26 -4.47
CA LEU A 87 -15.82 -13.31 -5.56
C LEU A 87 -15.89 -13.98 -6.94
N LYS A 88 -15.97 -15.31 -6.95
CA LYS A 88 -15.98 -16.08 -8.18
C LYS A 88 -14.70 -15.91 -8.97
N LEU A 89 -13.58 -15.61 -8.30
CA LEU A 89 -12.35 -15.39 -9.07
C LEU A 89 -11.75 -16.75 -9.37
N PRO A 90 -11.09 -16.91 -10.54
CA PRO A 90 -10.28 -18.08 -10.80
C PRO A 90 -9.13 -18.16 -9.79
N LYS A 91 -8.73 -19.38 -9.47
CA LYS A 91 -7.59 -19.64 -8.58
C LYS A 91 -6.33 -18.86 -8.97
N ASP A 92 -6.13 -18.64 -10.28
CA ASP A 92 -4.93 -17.97 -10.72
C ASP A 92 -5.15 -16.48 -10.89
N LYS A 93 -6.17 -15.92 -10.24
CA LYS A 93 -6.41 -14.46 -10.35
C LYS A 93 -6.41 -13.82 -8.96
N VAL A 94 -5.66 -14.41 -8.03
CA VAL A 94 -5.57 -13.91 -6.65
C VAL A 94 -4.06 -13.81 -6.29
N ILE A 95 -3.59 -12.57 -6.23
CA ILE A 95 -2.18 -12.23 -6.05
C ILE A 95 -2.00 -11.63 -4.65
N ILE A 96 -1.12 -12.24 -3.83
CA ILE A 96 -0.98 -11.87 -2.42
C ILE A 96 0.49 -11.54 -2.08
N THR A 97 0.72 -10.43 -1.37
CA THR A 97 2.05 -10.18 -0.80
C THR A 97 1.94 -10.20 0.69
N TYR A 98 2.93 -10.82 1.36
CA TYR A 98 2.95 -10.86 2.81
C TYR A 98 4.09 -9.96 3.31
N PHE A 99 3.86 -9.30 4.46
CA PHE A 99 4.87 -8.42 5.06
C PHE A 99 4.94 -8.81 6.49
N ASP A 100 6.09 -9.38 6.87
CA ASP A 100 6.29 -9.87 8.23
C ASP A 100 6.97 -8.74 9.02
N LEU A 101 6.24 -8.13 9.97
CA LEU A 101 6.64 -6.90 10.64
C LEU A 101 7.31 -7.13 12.03
N GLN A 102 8.24 -6.24 12.39
CA GLN A 102 8.76 -6.16 13.77
C GLN A 102 7.79 -5.33 14.61
N PRO A 103 7.66 -5.65 15.90
CA PRO A 103 6.76 -4.87 16.73
C PRO A 103 7.17 -3.39 16.99
N ILE A 104 8.43 -3.02 16.71
CA ILE A 104 8.80 -1.57 16.73
C ILE A 104 8.24 -0.83 15.48
N HIS A 105 7.72 -1.56 14.49
CA HIS A 105 7.25 -0.93 13.27
C HIS A 105 5.73 -0.89 13.16
N VAL A 106 5.04 -1.13 14.27
CA VAL A 106 3.59 -1.06 14.29
C VAL A 106 3.14 -0.15 15.43
N GLY A 107 2.24 0.78 15.11
CA GLY A 107 1.65 1.73 16.08
C GLY A 107 0.19 1.37 16.31
N PHE A 108 -0.16 1.17 17.58
CA PHE A 108 -1.54 0.91 17.97
C PHE A 108 -1.78 1.49 19.38
N ASN A 109 -2.97 2.06 19.54
CA ASN A 109 -3.32 2.64 20.83
C ASN A 109 -2.31 3.70 21.33
N GLY A 110 -1.72 4.45 20.41
CA GLY A 110 -0.91 5.59 20.83
C GLY A 110 0.58 5.31 21.12
N THR A 111 1.00 4.04 21.00
CA THR A 111 2.41 3.77 21.12
C THR A 111 2.77 2.59 20.23
N THR A 112 4.03 2.18 20.17
CA THR A 112 4.30 0.98 19.38
C THR A 112 3.81 -0.30 20.07
N VAL A 113 3.63 -1.36 19.30
CA VAL A 113 3.32 -2.66 19.87
C VAL A 113 4.52 -3.09 20.77
N ALA A 114 5.76 -2.79 20.34
CA ALA A 114 6.91 -3.18 21.19
C ALA A 114 6.92 -2.50 22.58
N ALA A 115 6.37 -1.29 22.68
CA ALA A 115 6.34 -0.54 23.93
C ALA A 115 5.04 -0.75 24.72
N ALA A 116 4.09 -1.55 24.22
CA ALA A 116 2.78 -1.68 24.91
C ALA A 116 2.99 -2.16 26.36
N PRO B 1 5.82 -8.93 -10.67
CA PRO B 1 5.79 -7.59 -10.10
C PRO B 1 4.39 -7.06 -9.84
N MET B 2 4.24 -6.24 -8.80
CA MET B 2 2.91 -5.77 -8.39
C MET B 2 3.17 -4.27 -8.17
N VAL B 3 2.49 -3.45 -8.97
CA VAL B 3 2.84 -2.06 -9.08
C VAL B 3 1.61 -1.26 -8.77
N ARG B 4 1.79 -0.27 -7.89
CA ARG B 4 0.64 0.60 -7.55
C ARG B 4 1.00 2.01 -7.99
N VAL B 5 0.19 2.60 -8.86
CA VAL B 5 0.43 3.98 -9.25
C VAL B 5 -0.72 4.81 -8.70
N ALA B 6 -0.46 5.72 -7.75
CA ALA B 6 -1.55 6.61 -7.26
C ALA B 6 -1.21 8.00 -7.77
N THR B 7 -2.20 8.78 -8.21
CA THR B 7 -1.93 10.13 -8.67
C THR B 7 -3.12 11.04 -8.29
N ASN B 8 -2.85 12.33 -8.15
CA ASN B 8 -3.96 13.29 -7.96
C ASN B 8 -4.48 13.81 -9.33
N LEU B 9 -3.82 13.44 -10.44
CA LEU B 9 -4.44 13.66 -11.78
C LEU B 9 -5.76 12.93 -11.93
N PRO B 10 -6.72 13.50 -12.68
CA PRO B 10 -8.03 12.81 -12.82
C PRO B 10 -7.88 11.47 -13.60
N ASP B 11 -8.71 10.49 -13.32
CA ASP B 11 -8.74 9.27 -14.05
C ASP B 11 -8.82 9.47 -15.61
N LYS B 12 -9.63 10.41 -16.09
CA LYS B 12 -9.77 10.66 -17.53
C LYS B 12 -8.43 11.08 -18.14
N ASP B 13 -7.48 11.58 -17.34
CA ASP B 13 -6.12 11.95 -17.82
C ASP B 13 -5.05 10.85 -17.78
N VAL B 14 -5.44 9.66 -17.35
CA VAL B 14 -4.49 8.53 -17.33
C VAL B 14 -5.02 7.61 -18.43
N PRO B 15 -4.36 7.61 -19.59
CA PRO B 15 -5.00 6.89 -20.77
C PRO B 15 -5.32 5.41 -20.52
N ALA B 16 -6.36 4.92 -21.19
CA ALA B 16 -6.75 3.54 -21.20
C ALA B 16 -5.58 2.51 -21.41
N ASN B 17 -4.56 2.90 -22.16
CA ASN B 17 -3.41 2.00 -22.46
C ASN B 17 -2.24 2.23 -21.47
N PHE B 18 -2.49 3.01 -20.41
CA PHE B 18 -1.45 3.24 -19.43
C PHE B 18 -0.91 1.91 -18.89
N GLU B 19 -1.81 1.06 -18.42
CA GLU B 19 -1.39 -0.20 -17.77
C GLU B 19 -0.71 -1.15 -18.79
N GLU B 20 -1.19 -1.19 -20.04
CA GLU B 20 -0.48 -1.95 -21.11
C GLU B 20 0.94 -1.47 -21.28
N ARG B 21 1.12 -0.16 -21.46
CA ARG B 21 2.45 0.33 -21.73
C ARG B 21 3.40 0.15 -20.54
N LEU B 22 2.84 0.22 -19.33
CA LEU B 22 3.70 0.13 -18.10
C LEU B 22 4.08 -1.34 -17.93
N THR B 23 3.12 -2.23 -18.17
CA THR B 23 3.37 -3.67 -18.16
C THR B 23 4.59 -4.03 -19.14
N ASP B 24 4.60 -3.46 -20.35
CA ASP B 24 5.72 -3.72 -21.30
C ASP B 24 7.00 -3.13 -20.76
N LEU B 25 6.89 -1.89 -20.27
CA LEU B 25 8.08 -1.19 -19.76
C LEU B 25 8.71 -2.06 -18.62
N LEU B 26 7.90 -2.59 -17.72
CA LEU B 26 8.46 -3.34 -16.60
C LEU B 26 8.94 -4.72 -16.96
N ALA B 27 8.20 -5.41 -17.87
CA ALA B 27 8.62 -6.75 -18.35
C ALA B 27 10.02 -6.63 -18.93
N GLU B 28 10.24 -5.60 -19.69
CA GLU B 28 11.53 -5.37 -20.29
C GLU B 28 12.63 -4.88 -19.29
N SER B 29 12.34 -3.83 -18.50
CA SER B 29 13.32 -3.36 -17.51
C SER B 29 13.74 -4.43 -16.47
N MET B 30 12.81 -5.28 -16.08
CA MET B 30 13.04 -6.27 -14.98
C MET B 30 13.26 -7.72 -15.46
N ASN B 31 13.19 -7.93 -16.78
CA ASN B 31 13.24 -9.28 -17.36
C ASN B 31 12.27 -10.19 -16.63
N LYS B 32 11.02 -9.74 -16.52
CA LYS B 32 9.97 -10.50 -15.85
C LYS B 32 8.91 -10.80 -16.89
N PRO B 33 8.19 -11.93 -16.74
CA PRO B 33 7.19 -12.19 -17.79
C PRO B 33 5.90 -11.35 -17.59
N ARG B 34 5.30 -10.99 -18.71
CA ARG B 34 4.09 -10.20 -18.73
C ARG B 34 2.97 -10.79 -17.84
N ASN B 35 2.79 -12.11 -17.87
CA ASN B 35 1.79 -12.71 -16.99
C ASN B 35 2.14 -12.77 -15.51
N ARG B 36 3.27 -12.20 -15.08
CA ARG B 36 3.48 -12.08 -13.63
C ARG B 36 3.59 -10.59 -13.27
N ILE B 37 2.90 -9.74 -14.05
CA ILE B 37 2.91 -8.30 -13.76
C ILE B 37 1.49 -7.76 -13.54
N ALA B 38 1.23 -7.27 -12.31
CA ALA B 38 -0.09 -6.63 -11.97
C ALA B 38 0.11 -5.14 -11.76
N ILE B 39 -0.82 -4.31 -12.24
CA ILE B 39 -0.75 -2.85 -12.04
C ILE B 39 -2.06 -2.36 -11.50
N GLU B 40 -2.02 -1.54 -10.43
CA GLU B 40 -3.22 -0.86 -9.88
C GLU B 40 -3.03 0.60 -10.19
N VAL B 41 -4.04 1.28 -10.71
CA VAL B 41 -3.96 2.68 -10.94
C VAL B 41 -5.04 3.33 -10.05
N LEU B 42 -4.63 4.26 -9.19
CA LEU B 42 -5.60 4.99 -8.40
C LEU B 42 -5.41 6.46 -8.70
N ALA B 43 -6.27 6.97 -9.57
CA ALA B 43 -6.26 8.39 -9.98
C ALA B 43 -7.44 9.19 -9.36
N GLY B 44 -7.45 10.51 -9.49
CA GLY B 44 -8.47 11.30 -8.78
C GLY B 44 -8.25 11.36 -7.27
N GLN B 45 -7.06 10.93 -6.76
CA GLN B 45 -6.87 10.71 -5.33
C GLN B 45 -6.33 11.98 -4.66
N ARG B 46 -6.67 12.20 -3.38
CA ARG B 46 -5.97 13.24 -2.58
C ARG B 46 -4.50 12.89 -2.38
N ILE B 47 -3.60 13.73 -2.90
CA ILE B 47 -2.14 13.50 -2.65
C ILE B 47 -1.48 14.85 -2.50
N THR B 48 -0.60 15.00 -1.54
CA THR B 48 0.21 16.22 -1.56
C THR B 48 1.63 15.77 -1.55
N HIS B 49 2.49 16.61 -2.10
CA HIS B 49 3.92 16.44 -1.95
C HIS B 49 4.51 17.84 -1.57
N GLY B 50 5.27 17.95 -0.48
CA GLY B 50 5.63 19.28 0.04
C GLY B 50 4.35 20.08 0.35
N ALA B 51 3.28 19.40 0.76
CA ALA B 51 1.95 20.05 1.04
C ALA B 51 1.26 20.62 -0.19
N SER B 52 1.93 20.55 -1.33
CA SER B 52 1.34 21.03 -2.58
C SER B 52 0.43 19.96 -3.24
N ARG B 53 -0.71 20.41 -3.77
CA ARG B 53 -1.61 19.58 -4.58
C ARG B 53 -1.29 19.62 -6.10
N ASN B 54 -0.11 20.10 -6.48
CA ASN B 54 0.31 20.04 -7.88
C ASN B 54 0.30 18.57 -8.38
N PRO B 55 0.08 18.34 -9.70
CA PRO B 55 0.10 16.95 -10.23
C PRO B 55 1.32 16.15 -9.73
N VAL B 56 1.07 14.93 -9.22
CA VAL B 56 2.15 14.13 -8.68
C VAL B 56 1.78 12.62 -8.84
N ALA B 57 2.77 11.71 -8.95
CA ALA B 57 2.48 10.26 -8.88
C ALA B 57 3.26 9.68 -7.73
N VAL B 58 2.63 8.77 -6.97
CA VAL B 58 3.33 8.06 -5.89
C VAL B 58 3.17 6.60 -6.24
N ILE B 59 4.29 5.88 -6.41
CA ILE B 59 4.27 4.59 -7.09
C ILE B 59 4.92 3.55 -6.18
N LYS B 60 4.34 2.35 -6.07
CA LYS B 60 4.98 1.29 -5.23
C LYS B 60 5.30 0.17 -6.24
N VAL B 61 6.54 -0.35 -6.20
CA VAL B 61 6.90 -1.46 -7.07
C VAL B 61 7.36 -2.60 -6.22
N GLU B 62 6.60 -3.69 -6.18
CA GLU B 62 7.03 -4.93 -5.52
C GLU B 62 7.46 -5.93 -6.58
N SER B 63 8.48 -6.75 -6.26
CA SER B 63 9.00 -7.78 -7.17
C SER B 63 9.89 -8.76 -6.38
N ILE B 64 9.88 -10.02 -6.80
CA ILE B 64 10.79 -11.03 -6.27
C ILE B 64 12.12 -10.83 -6.98
N GLY B 65 13.00 -10.02 -6.38
CA GLY B 65 14.32 -9.71 -7.00
C GLY B 65 14.11 -8.80 -8.21
N ALA B 66 15.09 -8.81 -9.11
CA ALA B 66 15.16 -7.82 -10.18
C ALA B 66 15.15 -6.33 -9.70
N LEU B 67 15.53 -6.14 -8.44
CA LEU B 67 15.56 -4.84 -7.82
C LEU B 67 16.93 -4.47 -7.16
N SER B 68 18.07 -4.77 -7.85
CA SER B 68 19.37 -4.43 -7.28
C SER B 68 19.51 -2.89 -7.34
N ALA B 69 20.55 -2.30 -6.69
CA ALA B 69 20.76 -0.83 -6.65
C ALA B 69 20.81 -0.33 -8.06
N ASP B 70 21.57 -1.07 -8.84
CA ASP B 70 21.66 -0.81 -10.22
C ASP B 70 20.38 -0.93 -11.09
N ASP B 71 19.67 -2.05 -10.91
CA ASP B 71 18.34 -2.20 -11.52
C ASP B 71 17.43 -1.01 -11.22
N ASN B 72 17.45 -0.54 -9.96
CA ASN B 72 16.49 0.51 -9.53
C ASN B 72 16.76 1.83 -10.13
N ILE B 73 18.03 2.04 -10.47
CA ILE B 73 18.43 3.22 -11.24
C ILE B 73 17.73 3.19 -12.60
N ARG B 74 17.85 2.06 -13.30
CA ARG B 74 17.22 1.91 -14.61
C ARG B 74 15.68 2.00 -14.49
N HIS B 75 15.10 1.24 -13.55
CA HIS B 75 13.61 1.26 -13.38
C HIS B 75 13.15 2.71 -13.16
N THR B 76 13.91 3.44 -12.36
CA THR B 76 13.48 4.78 -12.01
C THR B 76 13.53 5.69 -13.24
N GLN B 77 14.63 5.60 -14.00
CA GLN B 77 14.77 6.46 -15.18
C GLN B 77 13.63 6.15 -16.11
N LYS B 78 13.31 4.88 -16.27
CA LYS B 78 12.28 4.47 -17.23
C LYS B 78 10.85 4.88 -16.83
N ILE B 79 10.46 4.53 -15.60
CA ILE B 79 9.14 4.88 -15.09
C ILE B 79 8.96 6.40 -15.03
N THR B 80 9.99 7.11 -14.59
CA THR B 80 9.89 8.57 -14.51
C THR B 80 9.65 9.18 -15.93
N GLN B 81 10.51 8.80 -16.89
CA GLN B 81 10.33 9.28 -18.29
C GLN B 81 8.93 8.90 -18.82
N PHE B 82 8.51 7.67 -18.53
CA PHE B 82 7.20 7.19 -18.90
C PHE B 82 6.07 8.08 -18.28
N CYS B 83 6.21 8.41 -16.98
CA CYS B 83 5.25 9.32 -16.34
C CYS B 83 5.26 10.72 -16.97
N GLN B 84 6.45 11.20 -17.31
CA GLN B 84 6.58 12.50 -18.01
C GLN B 84 5.84 12.49 -19.33
N ASP B 85 6.12 11.46 -20.16
CA ASP B 85 5.47 11.35 -21.47
C ASP B 85 3.97 11.11 -21.41
N THR B 86 3.49 10.23 -20.53
CA THR B 86 2.05 9.96 -20.64
C THR B 86 1.16 10.85 -19.74
N LEU B 87 1.74 11.34 -18.66
CA LEU B 87 0.98 12.05 -17.65
C LEU B 87 1.40 13.50 -17.58
N LYS B 88 2.40 13.90 -18.36
CA LYS B 88 2.81 15.29 -18.42
C LYS B 88 3.33 15.72 -17.05
N LEU B 89 3.75 14.75 -16.23
CA LEU B 89 4.31 15.07 -14.94
C LEU B 89 5.74 15.53 -15.07
N PRO B 90 6.14 16.54 -14.27
CA PRO B 90 7.53 16.96 -14.22
C PRO B 90 8.33 15.82 -13.65
N LYS B 91 9.62 15.84 -13.98
CA LYS B 91 10.57 14.83 -13.58
C LYS B 91 10.68 14.65 -12.05
N ASP B 92 10.43 15.72 -11.29
CA ASP B 92 10.58 15.71 -9.81
C ASP B 92 9.22 15.57 -9.07
N LYS B 93 8.25 15.00 -9.79
CA LYS B 93 6.91 14.74 -9.28
C LYS B 93 6.54 13.27 -9.48
N VAL B 94 7.55 12.41 -9.45
CA VAL B 94 7.34 10.97 -9.55
C VAL B 94 8.14 10.33 -8.40
N ILE B 95 7.45 9.85 -7.40
CA ILE B 95 8.11 9.32 -6.20
C ILE B 95 7.88 7.81 -6.17
N ILE B 96 8.94 7.02 -6.10
CA ILE B 96 8.80 5.57 -6.23
C ILE B 96 9.40 4.84 -5.05
N THR B 97 8.73 3.80 -4.57
CA THR B 97 9.30 2.95 -3.53
C THR B 97 9.38 1.57 -4.05
N TYR B 98 10.52 0.93 -3.84
CA TYR B 98 10.71 -0.48 -4.28
C TYR B 98 10.71 -1.40 -3.09
N PHE B 99 10.09 -2.58 -3.27
CA PHE B 99 10.02 -3.58 -2.23
C PHE B 99 10.48 -4.87 -2.89
N ASP B 100 11.62 -5.35 -2.42
CA ASP B 100 12.25 -6.54 -2.98
C ASP B 100 11.80 -7.71 -2.08
N LEU B 101 11.01 -8.61 -2.65
CA LEU B 101 10.27 -9.65 -1.89
C LEU B 101 10.96 -11.03 -2.00
N GLN B 102 10.89 -11.79 -0.93
CA GLN B 102 11.25 -13.21 -0.93
C GLN B 102 10.11 -14.03 -1.47
N PRO B 103 10.44 -15.14 -2.16
CA PRO B 103 9.36 -15.95 -2.77
C PRO B 103 8.44 -16.63 -1.75
N ILE B 104 8.87 -16.80 -0.49
CA ILE B 104 7.96 -17.26 0.55
C ILE B 104 6.94 -16.22 0.97
N HIS B 105 7.11 -14.96 0.54
CA HIS B 105 6.17 -13.85 0.89
C HIS B 105 5.26 -13.43 -0.25
N VAL B 106 5.11 -14.31 -1.25
CA VAL B 106 4.23 -14.05 -2.39
C VAL B 106 3.29 -15.24 -2.64
N GLY B 107 1.99 -14.98 -2.65
CA GLY B 107 1.01 -16.02 -2.89
C GLY B 107 0.46 -15.83 -4.31
N PHE B 108 0.42 -16.92 -5.09
CA PHE B 108 -0.15 -16.93 -6.44
C PHE B 108 -0.63 -18.34 -6.88
N ASN B 109 -1.75 -18.42 -7.57
CA ASN B 109 -2.29 -19.73 -7.94
C ASN B 109 -2.51 -20.64 -6.76
N GLY B 110 -2.84 -20.06 -5.59
CA GLY B 110 -3.23 -20.88 -4.41
C GLY B 110 -2.11 -21.41 -3.51
N THR B 111 -0.85 -21.14 -3.83
CA THR B 111 0.26 -21.40 -2.86
C THR B 111 1.36 -20.29 -2.95
N THR B 112 2.43 -20.37 -2.18
CA THR B 112 3.49 -19.40 -2.32
C THR B 112 4.20 -19.60 -3.64
N VAL B 113 4.87 -18.56 -4.13
CA VAL B 113 5.79 -18.71 -5.22
C VAL B 113 6.96 -19.67 -4.81
N ALA B 114 7.42 -19.62 -3.56
CA ALA B 114 8.52 -20.49 -3.14
C ALA B 114 8.10 -21.97 -3.34
N ALA B 115 6.84 -22.32 -3.04
CA ALA B 115 6.33 -23.70 -3.09
C ALA B 115 5.71 -24.14 -4.41
N ALA B 116 5.89 -23.35 -5.47
CA ALA B 116 5.17 -23.57 -6.71
C ALA B 116 5.64 -24.91 -7.32
N PRO C 1 9.72 11.04 3.25
CA PRO C 1 8.65 10.18 3.78
C PRO C 1 7.44 10.13 2.87
N MET C 2 6.75 8.98 2.90
CA MET C 2 5.61 8.72 2.01
C MET C 2 4.59 8.08 2.95
N VAL C 3 3.52 8.81 3.15
CA VAL C 3 2.51 8.52 4.15
C VAL C 3 1.17 8.26 3.47
N ARG C 4 0.54 7.14 3.78
CA ARG C 4 -0.79 6.85 3.29
C ARG C 4 -1.77 6.74 4.47
N VAL C 5 -2.82 7.56 4.47
CA VAL C 5 -3.84 7.48 5.49
C VAL C 5 -5.13 7.01 4.82
N ALA C 6 -5.61 5.82 5.16
CA ALA C 6 -6.92 5.39 4.66
C ALA C 6 -7.91 5.46 5.82
N THR C 7 -9.14 5.90 5.53
CA THR C 7 -10.14 5.94 6.56
C THR C 7 -11.52 5.60 5.98
N ASN C 8 -12.38 5.04 6.83
CA ASN C 8 -13.79 4.83 6.44
C ASN C 8 -14.66 6.07 6.81
N LEU C 9 -14.10 7.07 7.46
CA LEU C 9 -14.80 8.37 7.54
C LEU C 9 -14.97 9.01 6.13
N PRO C 10 -16.06 9.82 5.91
CA PRO C 10 -16.25 10.39 4.58
C PRO C 10 -15.23 11.47 4.30
N ASP C 11 -14.98 11.70 3.02
CA ASP C 11 -14.03 12.69 2.56
C ASP C 11 -14.28 14.08 3.18
N LYS C 12 -15.55 14.45 3.32
CA LYS C 12 -15.91 15.75 3.96
C LYS C 12 -15.49 15.81 5.44
N ASP C 13 -15.27 14.67 6.12
CA ASP C 13 -14.79 14.69 7.54
C ASP C 13 -13.25 14.73 7.66
N VAL C 14 -12.56 14.73 6.52
CA VAL C 14 -11.10 14.90 6.55
C VAL C 14 -10.78 16.32 6.04
N PRO C 15 -10.43 17.24 6.97
CA PRO C 15 -10.42 18.65 6.54
C PRO C 15 -9.39 18.83 5.43
N ALA C 16 -9.63 19.82 4.60
CA ALA C 16 -8.77 20.12 3.48
C ALA C 16 -7.31 20.36 3.91
N ASN C 17 -7.10 20.85 5.16
CA ASN C 17 -5.71 21.13 5.61
C ASN C 17 -5.04 19.94 6.31
N PHE C 18 -5.71 18.78 6.28
CA PHE C 18 -5.18 17.54 6.88
C PHE C 18 -3.80 17.19 6.40
N GLU C 19 -3.63 17.15 5.04
CA GLU C 19 -2.32 16.75 4.49
C GLU C 19 -1.23 17.73 4.89
N GLU C 20 -1.56 19.00 4.80
CA GLU C 20 -0.57 20.03 5.10
C GLU C 20 -0.14 19.96 6.60
N ARG C 21 -1.12 19.81 7.50
CA ARG C 21 -0.72 19.68 8.98
CA ARG C 21 -0.78 19.69 8.94
C ARG C 21 -0.06 18.41 9.27
N LEU C 22 -0.45 17.30 8.65
CA LEU C 22 0.32 16.04 8.82
C LEU C 22 1.79 16.16 8.25
N THR C 23 1.92 16.84 7.12
CA THR C 23 3.27 17.12 6.57
C THR C 23 4.11 17.89 7.62
N ASP C 24 3.56 18.96 8.25
CA ASP C 24 4.31 19.69 9.32
C ASP C 24 4.70 18.79 10.47
N LEU C 25 3.77 17.94 10.90
CA LEU C 25 3.98 17.09 12.05
C LEU C 25 5.15 16.13 11.82
N LEU C 26 5.21 15.55 10.62
CA LEU C 26 6.18 14.55 10.31
C LEU C 26 7.52 15.25 10.01
N ALA C 27 7.47 16.44 9.41
CA ALA C 27 8.68 17.21 9.13
C ALA C 27 9.46 17.39 10.43
N GLU C 28 8.71 17.74 11.46
CA GLU C 28 9.25 18.05 12.75
C GLU C 28 9.64 16.74 13.44
N SER C 29 8.69 15.79 13.55
CA SER C 29 9.02 14.60 14.30
C SER C 29 10.20 13.80 13.66
N MET C 30 10.25 13.75 12.32
CA MET C 30 11.24 12.91 11.63
C MET C 30 12.45 13.67 11.15
N ASN C 31 12.51 14.97 11.47
CA ASN C 31 13.55 15.88 11.03
C ASN C 31 13.76 15.76 9.50
N LYS C 32 12.70 15.88 8.71
CA LYS C 32 12.80 15.77 7.27
C LYS C 32 12.28 17.05 6.61
N PRO C 33 12.85 17.42 5.46
CA PRO C 33 12.33 18.64 4.84
C PRO C 33 10.92 18.41 4.23
N ARG C 34 10.10 19.45 4.31
CA ARG C 34 8.71 19.38 3.87
C ARG C 34 8.62 18.95 2.40
N ASN C 35 9.55 19.43 1.55
CA ASN C 35 9.54 19.02 0.11
C ASN C 35 9.98 17.56 -0.16
N ARG C 36 10.20 16.78 0.90
CA ARG C 36 10.48 15.37 0.77
C ARG C 36 9.37 14.54 1.46
N ILE C 37 8.18 15.14 1.62
CA ILE C 37 7.09 14.45 2.32
C ILE C 37 5.88 14.42 1.41
N ALA C 38 5.40 13.21 1.09
CA ALA C 38 4.20 13.05 0.35
C ALA C 38 3.15 12.42 1.24
N ILE C 39 1.91 12.91 1.13
CA ILE C 39 0.76 12.35 1.86
C ILE C 39 -0.30 11.92 0.86
N GLU C 40 -0.74 10.65 0.96
CA GLU C 40 -1.93 10.18 0.30
C GLU C 40 -3.07 10.08 1.34
N VAL C 41 -4.25 10.57 0.97
CA VAL C 41 -5.45 10.38 1.75
C VAL C 41 -6.47 9.60 0.94
N LEU C 42 -7.05 8.54 1.54
CA LEU C 42 -8.14 7.74 0.94
C LEU C 42 -9.28 7.65 1.96
N ALA C 43 -10.28 8.54 1.81
CA ALA C 43 -11.43 8.60 2.72
C ALA C 43 -12.67 7.91 2.07
N GLY C 44 -13.72 7.72 2.85
CA GLY C 44 -14.90 7.06 2.33
C GLY C 44 -14.62 5.61 1.97
N GLN C 45 -13.51 5.00 2.48
CA GLN C 45 -13.13 3.62 2.04
C GLN C 45 -13.79 2.51 2.92
N ARG C 46 -14.10 1.36 2.37
CA ARG C 46 -14.46 0.20 3.20
C ARG C 46 -13.22 -0.20 4.06
N ILE C 47 -13.39 -0.13 5.38
CA ILE C 47 -12.37 -0.60 6.30
C ILE C 47 -13.11 -1.14 7.53
N THR C 48 -12.60 -2.23 8.03
CA THR C 48 -13.14 -2.82 9.22
C THR C 48 -11.94 -3.06 10.14
N HIS C 49 -12.20 -2.99 11.45
CA HIS C 49 -11.22 -3.36 12.49
C HIS C 49 -11.99 -4.20 13.50
N GLY C 50 -11.58 -5.44 13.69
CA GLY C 50 -12.36 -6.37 14.51
C GLY C 50 -13.70 -6.59 13.81
N ALA C 51 -13.68 -6.61 12.45
CA ALA C 51 -14.89 -6.68 11.64
C ALA C 51 -15.95 -5.54 11.87
N SER C 52 -15.64 -4.58 12.74
CA SER C 52 -16.46 -3.39 12.97
C SER C 52 -16.20 -2.28 11.90
N ARG C 53 -17.29 -1.62 11.44
CA ARG C 53 -17.25 -0.48 10.57
C ARG C 53 -17.21 0.83 11.38
N ASN C 54 -16.94 0.77 12.66
CA ASN C 54 -16.75 2.06 13.37
C ASN C 54 -15.59 2.89 12.76
N PRO C 55 -15.61 4.22 12.92
CA PRO C 55 -14.57 5.08 12.35
C PRO C 55 -13.17 4.55 12.72
N VAL C 56 -12.27 4.40 11.73
CA VAL C 56 -10.92 3.96 11.98
C VAL C 56 -10.02 4.58 10.93
N ALA C 57 -8.71 4.70 11.21
CA ALA C 57 -7.70 5.11 10.21
C ALA C 57 -6.61 4.03 10.17
N VAL C 58 -6.19 3.65 8.96
CA VAL C 58 -5.12 2.69 8.83
C VAL C 58 -4.04 3.47 8.07
N ILE C 59 -2.85 3.55 8.64
CA ILE C 59 -1.84 4.48 8.16
C ILE C 59 -0.56 3.72 7.84
N LYS C 60 0.07 4.06 6.71
CA LYS C 60 1.39 3.53 6.39
C LYS C 60 2.38 4.71 6.37
N VAL C 61 3.55 4.51 6.98
CA VAL C 61 4.58 5.51 7.01
C VAL C 61 5.90 4.92 6.49
N GLU C 62 6.37 5.41 5.36
CA GLU C 62 7.64 4.96 4.79
C GLU C 62 8.62 6.11 4.94
N SER C 63 9.87 5.83 5.26
CA SER C 63 10.87 6.90 5.34
C SER C 63 12.22 6.21 5.19
N ILE C 64 13.21 6.91 4.63
CA ILE C 64 14.60 6.47 4.64
C ILE C 64 15.17 6.82 6.03
N GLY C 65 15.18 5.85 6.94
CA GLY C 65 15.56 6.14 8.32
C GLY C 65 14.61 7.09 9.06
N ALA C 66 15.12 7.69 10.14
CA ALA C 66 14.35 8.44 11.13
C ALA C 66 13.23 7.56 11.80
N LEU C 67 13.45 6.24 11.83
CA LEU C 67 12.44 5.27 12.36
C LEU C 67 13.05 4.27 13.36
N SER C 68 13.87 4.77 14.30
CA SER C 68 14.38 3.89 15.39
C SER C 68 13.19 3.48 16.28
N ALA C 69 13.39 2.49 17.14
CA ALA C 69 12.35 2.04 18.06
C ALA C 69 11.73 3.23 18.81
N ASP C 70 12.58 4.13 19.29
CA ASP C 70 12.12 5.20 20.16
C ASP C 70 11.53 6.32 19.33
N ASP C 71 12.08 6.57 18.15
CA ASP C 71 11.41 7.46 17.23
C ASP C 71 9.94 7.01 16.98
N ASN C 72 9.74 5.70 16.82
CA ASN C 72 8.42 5.24 16.34
C ASN C 72 7.36 5.40 17.45
N ILE C 73 7.79 5.33 18.71
CA ILE C 73 6.91 5.59 19.84
C ILE C 73 6.49 7.08 19.73
N ARG C 74 7.45 7.96 19.50
CA ARG C 74 7.14 9.38 19.39
C ARG C 74 6.22 9.64 18.16
N HIS C 75 6.62 9.20 16.96
CA HIS C 75 5.71 9.36 15.75
C HIS C 75 4.32 8.85 16.04
N THR C 76 4.22 7.70 16.71
CA THR C 76 2.91 7.13 16.99
C THR C 76 2.08 7.98 17.95
N GLN C 77 2.69 8.43 19.05
CA GLN C 77 2.03 9.37 19.98
C GLN C 77 1.49 10.57 19.22
N LYS C 78 2.35 11.19 18.41
CA LYS C 78 1.96 12.40 17.68
C LYS C 78 0.85 12.19 16.62
N ILE C 79 1.03 11.15 15.81
CA ILE C 79 0.07 10.91 14.71
C ILE C 79 -1.30 10.56 15.32
N THR C 80 -1.24 9.73 16.35
CA THR C 80 -2.46 9.30 17.02
C THR C 80 -3.19 10.52 17.62
N GLN C 81 -2.47 11.41 18.30
CA GLN C 81 -3.11 12.59 18.91
C GLN C 81 -3.69 13.46 17.80
N PHE C 82 -2.91 13.61 16.72
CA PHE C 82 -3.34 14.41 15.55
C PHE C 82 -4.66 13.86 14.94
N CYS C 83 -4.77 12.53 14.79
CA CYS C 83 -6.04 11.90 14.28
C CYS C 83 -7.20 12.05 15.29
N GLN C 84 -6.91 11.97 16.57
CA GLN C 84 -7.92 12.33 17.59
C GLN C 84 -8.45 13.77 17.41
N ASP C 85 -7.54 14.75 17.34
CA ASP C 85 -7.90 16.14 17.21
C ASP C 85 -8.63 16.48 15.88
N THR C 86 -8.13 15.97 14.73
CA THR C 86 -8.69 16.39 13.44
C THR C 86 -9.79 15.45 12.95
N LEU C 87 -9.72 14.15 13.26
CA LEU C 87 -10.73 13.19 12.83
C LEU C 87 -11.70 12.73 13.91
N LYS C 88 -11.51 13.11 15.18
CA LYS C 88 -12.34 12.64 16.30
C LYS C 88 -12.31 11.13 16.46
N LEU C 89 -11.23 10.47 16.02
CA LEU C 89 -11.11 9.03 16.27
C LEU C 89 -10.69 8.77 17.70
N PRO C 90 -11.18 7.67 18.30
CA PRO C 90 -10.62 7.25 19.55
C PRO C 90 -9.15 6.83 19.34
N LYS C 91 -8.41 6.90 20.44
CA LYS C 91 -6.98 6.60 20.47
C LYS C 91 -6.71 5.20 20.04
N ASP C 92 -7.69 4.32 20.21
CA ASP C 92 -7.51 2.90 19.86
C ASP C 92 -8.06 2.57 18.47
N LYS C 93 -8.27 3.59 17.64
CA LYS C 93 -8.77 3.35 16.27
C LYS C 93 -7.81 3.94 15.21
N VAL C 94 -6.52 3.91 15.52
CA VAL C 94 -5.49 4.50 14.66
C VAL C 94 -4.35 3.46 14.56
N ILE C 95 -4.25 2.83 13.42
CA ILE C 95 -3.36 1.66 13.26
C ILE C 95 -2.30 2.09 12.25
N ILE C 96 -1.03 1.97 12.64
CA ILE C 96 0.07 2.53 11.83
C ILE C 96 1.11 1.47 11.52
N THR C 97 1.54 1.41 10.27
CA THR C 97 2.72 0.57 9.95
C THR C 97 3.88 1.43 9.47
N TYR C 98 5.09 1.14 9.98
CA TYR C 98 6.29 1.88 9.56
C TYR C 98 7.12 1.00 8.64
N PHE C 99 7.63 1.60 7.58
CA PHE C 99 8.55 0.91 6.68
C PHE C 99 9.82 1.76 6.59
N ASP C 100 10.93 1.19 7.06
CA ASP C 100 12.25 1.82 7.09
C ASP C 100 13.02 1.37 5.83
N LEU C 101 13.18 2.33 4.93
CA LEU C 101 13.64 2.10 3.58
C LEU C 101 15.14 2.43 3.38
N GLN C 102 15.82 1.61 2.56
CA GLN C 102 17.19 1.88 2.13
C GLN C 102 17.14 2.82 0.97
N PRO C 103 18.17 3.70 0.79
CA PRO C 103 18.11 4.67 -0.30
C PRO C 103 18.16 4.05 -1.72
N ILE C 104 18.66 2.83 -1.84
CA ILE C 104 18.60 2.13 -3.13
C ILE C 104 17.12 1.73 -3.53
N HIS C 105 16.19 1.80 -2.55
CA HIS C 105 14.77 1.39 -2.80
C HIS C 105 13.81 2.53 -2.91
N VAL C 106 14.34 3.75 -3.11
CA VAL C 106 13.51 4.85 -3.45
C VAL C 106 13.95 5.57 -4.68
N GLY C 107 12.99 5.94 -5.53
CA GLY C 107 13.31 6.68 -6.72
C GLY C 107 12.68 8.05 -6.61
N PHE C 108 13.47 9.09 -6.93
CA PHE C 108 12.98 10.46 -6.93
C PHE C 108 13.84 11.23 -7.92
N ASN C 109 13.19 12.14 -8.62
CA ASN C 109 13.82 12.98 -9.63
C ASN C 109 14.58 12.17 -10.69
N GLY C 110 14.08 10.98 -11.04
CA GLY C 110 14.57 10.27 -12.21
C GLY C 110 15.68 9.30 -11.88
N THR C 111 16.15 9.29 -10.64
CA THR C 111 17.06 8.22 -10.22
C THR C 111 16.85 7.79 -8.75
N THR C 112 17.59 6.82 -8.26
CA THR C 112 17.39 6.50 -6.85
C THR C 112 18.01 7.57 -5.97
N VAL C 113 17.58 7.58 -4.71
CA VAL C 113 18.16 8.41 -3.66
C VAL C 113 19.67 8.01 -3.45
N ALA C 114 20.01 6.73 -3.45
CA ALA C 114 21.39 6.39 -3.27
C ALA C 114 22.30 6.93 -4.42
N ALA C 115 21.79 7.03 -5.64
CA ALA C 115 22.61 7.43 -6.79
C ALA C 115 22.49 8.91 -7.03
N ALA C 116 21.79 9.65 -6.17
CA ALA C 116 21.60 11.08 -6.44
C ALA C 116 23.01 11.69 -6.41
OAA FUZ D . -0.49 -7.06 13.29
OAB FUZ D . 0.20 -8.90 14.34
CAC FUZ D . -1.01 -5.83 18.18
CAD FUZ D . -0.57 -7.16 18.15
CAE FUZ D . -5.29 -3.29 15.59
CAF FUZ D . -5.46 -3.93 14.43
CAG FUZ D . -3.97 -3.11 15.81
CAH FUZ D . -1.22 -5.12 16.99
CAI FUZ D . -0.31 -7.78 16.90
CAJ FUZ D . -1.75 -3.63 14.62
NAK FUZ D . -1.18 -5.02 14.59
OAL FUZ D . -4.18 -4.16 13.86
CAM FUZ D . -0.24 -7.73 14.33
CAN FUZ D . -3.28 -3.63 14.80
CAO FUZ D . -0.98 -5.71 15.75
CAP FUZ D . -0.52 -7.03 15.71
N1 IMD E . 9.70 -25.76 7.09
C2 IMD E . 9.94 -25.28 8.33
N3 IMD E . 11.01 -24.48 8.22
C4 IMD E . 11.39 -24.42 6.93
C5 IMD E . 10.61 -25.24 6.22
N1 IMD F . -11.93 3.79 -13.58
C2 IMD F . -12.12 2.48 -13.60
N3 IMD F . -12.21 2.11 -12.33
C4 IMD F . -12.08 3.20 -11.54
C5 IMD F . -11.90 4.26 -12.32
ZN ZN G . 8.03 -26.86 6.67
ZN ZN H . -19.79 -0.06 -0.77
ZN ZN I . -17.46 -14.16 12.04
C ACT J . -20.22 -1.46 1.70
O ACT J . -20.04 -1.62 0.46
OXT ACT J . -19.94 -0.39 2.28
CH3 ACT J . -20.85 -2.62 2.50
C ACT K . -10.26 3.19 -17.47
O ACT K . -10.18 4.28 -16.87
OXT ACT K . -10.66 2.16 -16.90
CH3 ACT K . -9.87 3.10 -18.97
C ACT L . 7.83 -28.23 8.95
O ACT L . 7.72 -28.48 7.74
OXT ACT L . 8.15 -27.12 9.43
CH3 ACT L . 7.51 -29.41 9.89
OAA FUZ M . 6.44 -10.60 -8.57
OAB FUZ M . 8.47 -11.24 -9.20
CAC FUZ M . 5.83 -15.46 -9.90
CAD FUZ M . 7.15 -15.12 -10.23
CAE FUZ M . 1.38 -11.36 -10.90
CAF FUZ M . 0.94 -12.62 -10.78
CAG FUZ M . 2.27 -11.09 -9.94
CAH FUZ M . 5.00 -14.52 -9.28
CAI FUZ M . 7.63 -13.83 -9.97
CAJ FUZ M . 3.28 -12.40 -7.94
NAK FUZ M . 4.70 -12.27 -8.41
OAL FUZ M . 1.58 -13.18 -9.70
CAM FUZ M . 7.27 -11.46 -9.01
CAN FUZ M . 2.37 -12.18 -9.17
CAO FUZ M . 5.46 -13.22 -9.00
CAP FUZ M . 6.77 -12.88 -9.36
ZN ZN N . -11.53 4.81 -15.36
ZN ZN O . 2.22 -3.93 -25.21
OAA FUZ P . 11.45 9.48 2.17
OAB FUZ P . 13.06 9.71 3.62
CAC FUZ P . 15.03 12.14 -0.27
CAD FUZ P . 15.35 12.07 1.09
CAE FUZ P . 10.33 13.14 -2.64
CAF FUZ P . 9.23 13.30 -1.88
CAG FUZ P . 11.00 12.04 -2.30
CAH FUZ P . 13.91 11.46 -0.79
CAI FUZ P . 14.55 11.32 1.96
CAJ FUZ P . 10.63 10.29 -0.48
NAK FUZ P . 12.05 10.05 -0.46
OAL FUZ P . 9.18 12.25 -1.00
CAM FUZ P . 12.59 9.83 2.48
CAN FUZ P . 10.32 11.51 -1.29
CAO FUZ P . 13.08 10.72 0.08
CAP FUZ P . 13.43 10.65 1.47
N1 IMD Q . -18.34 1.46 -0.55
C2 IMD Q . -18.31 1.89 0.74
N3 IMD Q . -17.29 2.75 0.82
C4 IMD Q . -16.73 2.85 -0.39
C5 IMD Q . -17.37 2.06 -1.25
ZN ZN R . 16.12 8.67 14.90
ZN ZN S . 25.91 12.22 -6.94
C ACT T . 17.41 6.94 14.08
O ACT T . 17.07 7.85 13.35
OXT ACT T . 17.49 6.93 15.32
CH3 ACT T . 18.00 5.71 13.37
#